data_3IW2
#
_entry.id   3IW2
#
_cell.length_a   59.632
_cell.length_b   86.016
_cell.length_c   89.455
_cell.angle_alpha   90.00
_cell.angle_beta   90.00
_cell.angle_gamma   90.00
#
_symmetry.space_group_name_H-M   'P 21 21 21'
#
loop_
_entity.id
_entity.type
_entity.pdbx_description
1 polymer 'Cytochrome P450 CYP125'
2 non-polymer 4-[(2R)-2-[(4-chlorobenzyl)oxy]-2-(2,4-dichlorophenyl)ethyl]-1H-imidazole
3 non-polymer 'PROTOPORPHYRIN IX CONTAINING FE'
4 water water
#
_entity_poly.entity_id   1
_entity_poly.type   'polypeptide(L)'
_entity_poly.pdbx_seq_one_letter_code
;MSWNHQSVEIAVRRTTVPSPNLPPGFDFTDPAIYAERLPVAEFAELRSAAPIWWNGQDPGKGGGFHDGGFWAITKLNDVK
EISRHSDVFSSYENGVIPRFKNDIAREDIEVQRFVMLNMDAPHHTRLRKIISRGFTPRAVGRLHDELQERAQKIAAEAAA
AGSGDFVEQVSCELPLQAIAGLLGVPQEDRGKLFHWSNEMTGNEDPEYAHIDPKASSAELIGYAMKMAEEKAKNPADDIV
TQLIQADIDGEKLSDDEFGFFVVMLAVAGNETTRNSITQGMMAFAEHPDQWELYKKVRPETAADEIVRWATPVTAFQRTA
LRDYELSGVQIKKGQRVVMFYRSANFDEEVFQDPFTFNILRNPNPHVGFGGTGAHYCIGANLARMTINLIFNAVADHMPD
LKPISAPERLRSGWLNGIKHWQVDYTGRCPVAH
;
_entity_poly.pdbx_strand_id   A
#
loop_
_chem_comp.id
_chem_comp.type
_chem_comp.name
_chem_comp.formula
EKO non-polymer 4-[(2R)-2-[(4-chlorobenzyl)oxy]-2-(2,4-dichlorophenyl)ethyl]-1H-imidazole 'C18 H15 Cl3 N2 O'
HEM non-polymer 'PROTOPORPHYRIN IX CONTAINING FE' 'C34 H32 Fe N4 O4'
#
# COMPACT_ATOMS: atom_id res chain seq x y z
N PRO A 20 16.74 7.63 -22.66
CA PRO A 20 15.55 8.35 -22.19
C PRO A 20 15.83 9.83 -21.90
N ASN A 21 14.89 10.70 -22.23
CA ASN A 21 15.02 12.09 -21.88
C ASN A 21 14.61 12.36 -20.42
N LEU A 22 15.59 12.18 -19.53
CA LEU A 22 15.41 12.39 -18.10
C LEU A 22 16.57 13.23 -17.61
N PRO A 23 16.36 13.99 -16.53
CA PRO A 23 17.53 14.68 -16.08
C PRO A 23 18.65 13.71 -15.63
N PRO A 24 19.91 14.18 -15.69
CA PRO A 24 21.03 13.40 -15.15
C PRO A 24 20.95 13.08 -13.62
N GLY A 25 21.14 11.79 -13.28
CA GLY A 25 21.05 11.29 -11.89
C GLY A 25 19.62 11.25 -11.34
N PHE A 26 18.64 11.29 -12.23
CA PHE A 26 17.24 11.27 -11.83
C PHE A 26 16.98 9.89 -11.21
N ASP A 27 16.29 9.88 -10.08
CA ASP A 27 16.05 8.70 -9.30
C ASP A 27 14.58 8.56 -9.04
N PHE A 28 13.99 7.50 -9.63
CA PHE A 28 12.54 7.26 -9.49
C PHE A 28 12.06 6.98 -8.11
N THR A 29 13.01 6.75 -7.19
CA THR A 29 12.68 6.54 -5.79
C THR A 29 12.97 7.77 -4.90
N ASP A 30 13.23 8.91 -5.49
CA ASP A 30 13.70 10.11 -4.77
C ASP A 30 12.53 10.70 -3.99
N PRO A 31 12.59 10.66 -2.65
CA PRO A 31 11.54 11.29 -1.84
C PRO A 31 11.25 12.74 -2.14
N ALA A 32 12.28 13.46 -2.58
CA ALA A 32 12.12 14.83 -3.00
C ALA A 32 11.10 15.02 -4.12
N ILE A 33 10.93 14.03 -5.01
CA ILE A 33 9.98 14.13 -6.10
C ILE A 33 8.57 14.02 -5.55
N TYR A 34 8.36 12.99 -4.72
CA TYR A 34 7.04 12.59 -4.22
C TYR A 34 6.47 13.55 -3.18
N ALA A 35 7.35 14.33 -2.54
CA ALA A 35 6.93 15.43 -1.67
C ALA A 35 6.08 16.46 -2.47
N GLU A 36 6.34 16.58 -3.76
CA GLU A 36 5.72 17.55 -4.65
C GLU A 36 4.73 16.95 -5.61
N ARG A 37 5.06 15.81 -6.22
CA ARG A 37 4.27 15.28 -7.38
C ARG A 37 4.59 13.83 -7.63
N LEU A 38 3.72 13.19 -8.38
CA LEU A 38 4.06 11.91 -9.00
C LEU A 38 4.77 12.17 -10.36
N PRO A 39 5.91 11.51 -10.62
CA PRO A 39 6.63 11.71 -11.86
C PRO A 39 6.06 10.94 -13.08
N VAL A 40 4.84 11.31 -13.47
CA VAL A 40 4.08 10.63 -14.48
C VAL A 40 4.73 10.74 -15.85
N ALA A 41 5.23 11.92 -16.15
CA ALA A 41 5.82 12.18 -17.44
C ALA A 41 7.15 11.43 -17.55
N GLU A 42 7.85 11.29 -16.44
CA GLU A 42 9.11 10.54 -16.46
C GLU A 42 8.89 9.07 -16.65
N PHE A 43 7.92 8.51 -15.94
CA PHE A 43 7.51 7.12 -16.18
C PHE A 43 7.12 6.83 -17.64
N ALA A 44 6.37 7.75 -18.25
CA ALA A 44 5.85 7.59 -19.61
C ALA A 44 7.04 7.61 -20.54
N GLU A 45 8.02 8.46 -20.22
CA GLU A 45 9.24 8.52 -21.03
C GLU A 45 9.97 7.15 -21.06
N LEU A 46 10.15 6.55 -19.89
CA LEU A 46 10.73 5.22 -19.81
C LEU A 46 9.89 4.17 -20.56
N ARG A 47 8.59 4.16 -20.36
CA ARG A 47 7.78 3.19 -21.09
C ARG A 47 8.00 3.28 -22.61
N SER A 48 8.20 4.47 -23.14
CA SER A 48 8.41 4.74 -24.59
C SER A 48 9.87 4.45 -25.00
N ALA A 49 10.83 4.96 -24.23
CA ALA A 49 12.21 4.95 -24.67
C ALA A 49 13.10 3.85 -24.02
N ALA A 50 12.76 3.36 -22.83
CA ALA A 50 13.67 2.46 -22.11
C ALA A 50 12.86 1.82 -21.01
N PRO A 51 11.92 0.92 -21.38
CA PRO A 51 10.98 0.32 -20.40
C PRO A 51 11.61 -0.44 -19.22
N ILE A 52 12.84 -0.92 -19.41
CA ILE A 52 13.67 -1.44 -18.32
C ILE A 52 15.00 -0.59 -18.37
N TRP A 53 15.21 0.20 -17.32
CA TRP A 53 16.25 1.18 -17.34
C TRP A 53 17.05 1.13 -16.02
N TRP A 54 18.38 1.15 -16.12
CA TRP A 54 19.21 1.19 -14.93
C TRP A 54 19.09 2.56 -14.32
N ASN A 55 18.48 2.62 -13.16
CA ASN A 55 18.42 3.83 -12.32
C ASN A 55 19.65 3.79 -11.38
N GLY A 56 20.75 4.38 -11.83
CA GLY A 56 21.92 4.58 -10.97
C GLY A 56 21.66 5.48 -9.75
N GLN A 57 22.32 5.12 -8.67
CA GLN A 57 22.29 5.93 -7.44
C GLN A 57 23.70 6.14 -6.91
N ASP A 58 24.05 7.40 -6.62
CA ASP A 58 25.38 7.73 -6.12
C ASP A 58 25.47 7.27 -4.69
N PRO A 59 26.70 7.16 -4.18
CA PRO A 59 26.90 6.80 -2.78
C PRO A 59 26.26 7.79 -1.78
N GLY A 60 25.69 7.24 -0.72
CA GLY A 60 24.95 8.00 0.28
C GLY A 60 23.58 8.48 -0.18
N LYS A 61 23.10 8.03 -1.37
CA LYS A 61 21.85 8.50 -1.97
C LYS A 61 20.91 7.39 -2.49
N GLY A 62 21.12 6.16 -2.01
CA GLY A 62 20.39 4.96 -2.45
C GLY A 62 19.31 4.54 -1.47
N GLY A 63 18.96 5.43 -0.52
CA GLY A 63 17.87 5.21 0.39
C GLY A 63 18.07 4.00 1.29
N GLY A 64 19.31 3.76 1.67
CA GLY A 64 19.65 2.64 2.55
C GLY A 64 20.34 1.51 1.84
N PHE A 65 20.34 1.58 0.51
CA PHE A 65 20.94 0.56 -0.38
C PHE A 65 22.16 1.15 -1.00
N HIS A 66 23.21 0.33 -1.11
CA HIS A 66 24.58 0.75 -1.34
C HIS A 66 25.18 -0.10 -2.47
N ASP A 67 24.32 -0.48 -3.39
CA ASP A 67 24.69 -1.36 -4.49
C ASP A 67 24.80 -0.63 -5.83
N GLY A 68 24.60 0.67 -5.76
CA GLY A 68 24.83 1.55 -6.88
C GLY A 68 23.59 1.81 -7.69
N GLY A 69 22.45 1.26 -7.32
CA GLY A 69 21.21 1.42 -8.16
C GLY A 69 20.33 0.17 -8.32
N PHE A 70 19.40 0.28 -9.25
CA PHE A 70 18.36 -0.73 -9.46
C PHE A 70 17.82 -0.67 -10.89
N TRP A 71 17.24 -1.78 -11.32
CA TRP A 71 16.52 -1.78 -12.62
C TRP A 71 15.12 -1.22 -12.38
N ALA A 72 14.77 -0.13 -13.07
CA ALA A 72 13.41 0.43 -13.02
C ALA A 72 12.51 -0.34 -14.02
N ILE A 73 11.46 -0.95 -13.46
CA ILE A 73 10.52 -1.71 -14.22
C ILE A 73 9.20 -0.90 -14.37
N THR A 74 8.85 -0.55 -15.60
CA THR A 74 7.80 0.42 -15.89
C THR A 74 6.59 -0.19 -16.61
N LYS A 75 6.76 -1.42 -17.15
CA LYS A 75 5.71 -2.04 -18.00
C LYS A 75 4.91 -3.09 -17.20
N LEU A 76 3.59 -3.13 -17.42
CA LEU A 76 2.75 -4.05 -16.71
C LEU A 76 3.17 -5.54 -16.80
N ASN A 77 3.36 -6.04 -18.00
CA ASN A 77 3.78 -7.41 -18.15
C ASN A 77 5.11 -7.73 -17.52
N ASP A 78 6.06 -6.81 -17.51
CA ASP A 78 7.33 -7.07 -16.78
C ASP A 78 7.12 -7.14 -15.28
N VAL A 79 6.29 -6.24 -14.72
CA VAL A 79 5.92 -6.31 -13.32
C VAL A 79 5.31 -7.67 -12.98
N LYS A 80 4.44 -8.15 -13.84
CA LYS A 80 3.78 -9.44 -13.68
C LYS A 80 4.76 -10.61 -13.77
N GLU A 81 5.66 -10.55 -14.73
CA GLU A 81 6.65 -11.59 -14.87
C GLU A 81 7.50 -11.66 -13.61
N ILE A 82 8.00 -10.54 -13.13
CA ILE A 82 8.78 -10.55 -11.86
C ILE A 82 8.02 -11.17 -10.70
N SER A 83 6.76 -10.78 -10.58
CA SER A 83 5.98 -11.15 -9.44
C SER A 83 5.66 -12.66 -9.47
N ARG A 84 5.49 -13.23 -10.68
CA ARG A 84 5.29 -14.66 -10.86
C ARG A 84 6.54 -15.47 -10.53
N HIS A 85 7.71 -14.96 -10.93
CA HIS A 85 8.95 -15.64 -10.70
C HIS A 85 9.67 -15.29 -9.41
N SER A 86 9.03 -15.51 -8.28
CA SER A 86 9.64 -15.32 -7.00
C SER A 86 10.65 -16.38 -6.64
N ASP A 87 10.82 -17.43 -7.45
CA ASP A 87 11.93 -18.35 -7.27
C ASP A 87 13.23 -17.69 -7.73
N VAL A 88 13.12 -16.70 -8.60
CA VAL A 88 14.28 -15.98 -9.10
C VAL A 88 14.35 -14.62 -8.36
N PHE A 89 13.20 -13.95 -8.25
CA PHE A 89 13.12 -12.59 -7.70
C PHE A 89 12.68 -12.55 -6.25
N SER A 90 13.64 -12.30 -5.39
CA SER A 90 13.52 -12.47 -3.95
C SER A 90 13.04 -11.26 -3.22
N SER A 91 12.19 -11.49 -2.20
CA SER A 91 11.73 -10.45 -1.26
C SER A 91 12.60 -10.45 -0.02
N TYR A 92 13.09 -11.61 0.36
CA TYR A 92 14.00 -11.73 1.46
C TYR A 92 15.29 -10.93 1.38
N GLU A 93 15.97 -10.94 0.22
CA GLU A 93 17.39 -10.58 0.21
CA GLU A 93 17.37 -10.56 0.18
C GLU A 93 17.60 -9.11 0.61
N ASN A 94 16.74 -8.21 0.14
CA ASN A 94 16.84 -6.75 0.51
C ASN A 94 15.51 -6.18 0.96
N GLY A 95 14.56 -7.08 1.24
CA GLY A 95 13.21 -6.67 1.53
C GLY A 95 12.58 -6.11 0.28
N VAL A 96 11.31 -5.74 0.37
CA VAL A 96 10.60 -5.16 -0.78
C VAL A 96 10.46 -3.66 -0.77
N ILE A 97 10.70 -3.02 0.36
CA ILE A 97 10.64 -1.55 0.40
C ILE A 97 11.90 -1.01 -0.26
N PRO A 98 11.73 -0.21 -1.34
CA PRO A 98 12.89 0.28 -2.08
C PRO A 98 13.51 1.59 -1.60
N ARG A 99 13.02 2.22 -0.53
CA ARG A 99 13.61 3.48 -0.11
C ARG A 99 13.38 3.74 1.37
N PHE A 100 14.44 4.10 2.07
CA PHE A 100 14.38 4.45 3.48
C PHE A 100 15.19 5.73 3.61
N LYS A 101 15.30 6.25 4.81
CA LYS A 101 16.24 7.31 5.07
C LYS A 101 17.65 6.88 4.64
N ASN A 102 18.38 7.80 4.04
CA ASN A 102 19.66 7.51 3.45
C ASN A 102 20.68 6.98 4.44
N ASP A 103 20.51 7.33 5.73
CA ASP A 103 21.40 6.95 6.80
C ASP A 103 20.95 5.69 7.53
N ILE A 104 19.87 5.03 7.09
CA ILE A 104 19.42 3.81 7.78
C ILE A 104 20.61 2.76 7.85
N ALA A 105 20.70 2.14 9.03
CA ALA A 105 21.58 0.99 9.29
C ALA A 105 20.96 -0.24 8.66
N ARG A 106 21.83 -1.11 8.15
CA ARG A 106 21.46 -2.29 7.37
C ARG A 106 20.64 -3.23 8.23
N GLU A 107 21.03 -3.33 9.49
CA GLU A 107 20.36 -4.10 10.50
C GLU A 107 18.88 -3.76 10.53
N ASP A 108 18.56 -2.48 10.29
CA ASP A 108 17.18 -1.99 10.36
C ASP A 108 16.37 -2.37 9.13
N ILE A 109 17.05 -2.65 8.02
CA ILE A 109 16.47 -3.23 6.80
C ILE A 109 16.27 -4.74 7.00
N GLU A 110 17.33 -5.46 7.37
CA GLU A 110 17.28 -6.90 7.59
C GLU A 110 16.24 -7.37 8.61
N VAL A 111 16.01 -6.59 9.67
CA VAL A 111 15.01 -7.00 10.63
C VAL A 111 13.61 -7.08 9.97
N GLN A 112 13.42 -6.43 8.84
CA GLN A 112 12.10 -6.45 8.21
C GLN A 112 11.83 -7.80 7.53
N ARG A 113 12.84 -8.70 7.53
CA ARG A 113 12.65 -10.07 7.08
C ARG A 113 11.78 -10.92 7.98
N PHE A 114 11.43 -10.39 9.15
CA PHE A 114 10.64 -11.12 10.11
C PHE A 114 9.15 -10.96 9.81
N VAL A 115 8.77 -10.11 8.86
CA VAL A 115 7.39 -10.11 8.37
C VAL A 115 7.25 -10.91 7.06
N MET A 116 6.11 -11.58 6.91
CA MET A 116 5.85 -12.46 5.79
C MET A 116 6.10 -11.83 4.41
N LEU A 117 5.72 -10.56 4.26
CA LEU A 117 5.99 -9.79 3.07
C LEU A 117 7.44 -9.90 2.54
N ASN A 118 8.42 -10.00 3.43
CA ASN A 118 9.82 -9.97 3.11
C ASN A 118 10.51 -11.34 3.33
N MET A 119 9.71 -12.38 3.20
CA MET A 119 10.15 -13.78 3.20
C MET A 119 10.03 -14.41 1.82
N ASP A 120 10.83 -15.47 1.62
CA ASP A 120 10.78 -16.28 0.40
C ASP A 120 10.37 -17.65 0.80
N ALA A 121 10.05 -18.46 -0.18
CA ALA A 121 9.69 -19.88 -0.03
C ALA A 121 10.93 -20.56 0.54
N PRO A 122 10.76 -21.55 1.44
CA PRO A 122 9.58 -22.15 2.02
C PRO A 122 8.98 -21.48 3.25
N HIS A 123 9.67 -20.49 3.81
CA HIS A 123 9.21 -19.88 5.02
C HIS A 123 7.98 -19.09 4.82
N HIS A 124 7.97 -18.34 3.71
CA HIS A 124 6.79 -17.61 3.24
C HIS A 124 5.55 -18.49 3.06
N THR A 125 5.71 -19.61 2.33
CA THR A 125 4.63 -20.53 2.00
C THR A 125 3.85 -20.98 3.23
N ARG A 126 4.63 -21.38 4.23
CA ARG A 126 4.10 -21.81 5.50
C ARG A 126 3.35 -20.70 6.25
N LEU A 127 3.93 -19.51 6.29
CA LEU A 127 3.24 -18.43 7.02
C LEU A 127 2.04 -17.93 6.25
N ARG A 128 2.15 -17.83 4.93
CA ARG A 128 1.02 -17.36 4.14
C ARG A 128 -0.11 -18.35 4.29
N LYS A 129 0.20 -19.64 4.28
CA LYS A 129 -0.83 -20.69 4.45
C LYS A 129 -1.59 -20.54 5.79
N ILE A 130 -0.87 -20.32 6.89
CA ILE A 130 -1.51 -20.13 8.20
C ILE A 130 -2.34 -18.83 8.23
N ILE A 131 -1.79 -17.73 7.77
CA ILE A 131 -2.37 -16.38 7.91
C ILE A 131 -3.58 -16.22 7.00
N SER A 132 -3.68 -17.13 6.02
CA SER A 132 -4.84 -17.20 5.15
C SER A 132 -6.14 -17.49 5.91
N ARG A 133 -6.02 -18.07 7.11
CA ARG A 133 -7.21 -18.30 7.99
C ARG A 133 -7.94 -16.92 8.17
N GLY A 134 -7.16 -15.84 8.28
CA GLY A 134 -7.65 -14.52 8.60
C GLY A 134 -8.33 -13.81 7.45
N PHE A 135 -8.12 -14.33 6.24
CA PHE A 135 -8.51 -13.60 5.01
C PHE A 135 -9.42 -14.31 4.03
N THR A 136 -9.94 -15.47 4.45
CA THR A 136 -10.97 -16.18 3.69
C THR A 136 -12.11 -15.18 3.49
N PRO A 137 -12.84 -15.30 2.35
CA PRO A 137 -13.96 -14.42 2.00
C PRO A 137 -15.01 -14.47 3.05
N ARG A 138 -15.11 -15.63 3.70
CA ARG A 138 -15.99 -15.75 4.83
C ARG A 138 -15.52 -14.86 5.97
N ALA A 139 -14.22 -14.89 6.33
CA ALA A 139 -13.70 -14.06 7.45
C ALA A 139 -13.86 -12.55 7.19
N VAL A 140 -13.66 -12.14 5.96
CA VAL A 140 -13.72 -10.74 5.60
C VAL A 140 -15.20 -10.35 5.51
N GLY A 141 -16.01 -11.25 4.94
CA GLY A 141 -17.43 -11.05 4.86
C GLY A 141 -18.08 -10.74 6.18
N ARG A 142 -17.59 -11.34 7.26
CA ARG A 142 -18.13 -11.12 8.62
C ARG A 142 -17.90 -9.74 9.21
N LEU A 143 -16.97 -9.01 8.61
CA LEU A 143 -16.64 -7.66 9.04
C LEU A 143 -17.57 -6.67 8.38
N HIS A 144 -18.29 -7.09 7.34
CA HIS A 144 -19.07 -6.21 6.47
C HIS A 144 -19.97 -5.27 7.24
N ASP A 145 -20.79 -5.83 8.13
CA ASP A 145 -21.83 -5.04 8.75
C ASP A 145 -21.27 -3.98 9.67
N GLU A 146 -20.29 -4.34 10.49
CA GLU A 146 -19.69 -3.35 11.41
C GLU A 146 -18.97 -2.24 10.66
N LEU A 147 -18.29 -2.57 9.56
CA LEU A 147 -17.60 -1.58 8.80
C LEU A 147 -18.60 -0.67 8.06
N GLN A 148 -19.71 -1.25 7.58
CA GLN A 148 -20.77 -0.44 6.95
C GLN A 148 -21.31 0.62 7.92
N GLU A 149 -21.55 0.18 9.16
CA GLU A 149 -22.06 1.00 10.24
C GLU A 149 -21.03 2.10 10.58
N ARG A 150 -19.75 1.71 10.65
CA ARG A 150 -18.65 2.65 10.91
C ARG A 150 -18.48 3.64 9.80
N ALA A 151 -18.53 3.18 8.56
CA ALA A 151 -18.43 4.08 7.38
C ALA A 151 -19.51 5.13 7.33
N GLN A 152 -20.75 4.71 7.53
CA GLN A 152 -21.91 5.63 7.52
C GLN A 152 -21.83 6.71 8.60
N LYS A 153 -21.31 6.33 9.76
CA LYS A 153 -21.15 7.24 10.87
C LYS A 153 -19.99 8.23 10.69
N ILE A 154 -18.85 7.74 10.22
CA ILE A 154 -17.78 8.58 9.71
C ILE A 154 -18.25 9.64 8.71
N ALA A 155 -18.96 9.20 7.68
CA ALA A 155 -19.46 10.13 6.67
C ALA A 155 -20.43 11.10 7.31
N ALA A 156 -21.35 10.59 8.14
CA ALA A 156 -22.32 11.44 8.87
C ALA A 156 -21.61 12.50 9.70
N GLU A 157 -20.53 12.12 10.39
CA GLU A 157 -19.83 13.05 11.29
C GLU A 157 -19.04 14.09 10.56
N ALA A 158 -18.47 13.72 9.41
CA ALA A 158 -17.76 14.69 8.55
C ALA A 158 -18.76 15.68 7.93
N ALA A 159 -19.90 15.17 7.47
CA ALA A 159 -20.92 16.06 6.88
C ALA A 159 -21.31 17.12 7.92
N ALA A 160 -21.55 16.65 9.14
CA ALA A 160 -21.94 17.49 10.31
C ALA A 160 -20.95 18.61 10.60
N ALA A 161 -19.65 18.31 10.47
CA ALA A 161 -18.55 19.25 10.73
C ALA A 161 -18.40 20.31 9.63
N GLY A 162 -19.04 20.08 8.49
CA GLY A 162 -19.16 21.08 7.38
C GLY A 162 -17.99 21.11 6.40
N SER A 163 -16.79 21.20 6.96
CA SER A 163 -15.52 21.22 6.22
C SER A 163 -14.38 20.75 7.13
N GLY A 164 -13.24 20.45 6.51
CA GLY A 164 -12.12 19.96 7.21
C GLY A 164 -11.20 19.06 6.43
N ASP A 165 -10.31 18.42 7.18
CA ASP A 165 -9.27 17.52 6.65
C ASP A 165 -9.86 16.16 6.28
N PHE A 166 -10.06 15.95 4.98
CA PHE A 166 -10.69 14.76 4.50
C PHE A 166 -9.88 13.53 4.85
N VAL A 167 -8.55 13.67 4.90
CA VAL A 167 -7.70 12.52 5.25
C VAL A 167 -7.95 12.00 6.66
N GLU A 168 -7.97 12.94 7.60
CA GLU A 168 -8.24 12.66 8.98
C GLU A 168 -9.71 12.30 9.16
N GLN A 169 -10.61 13.09 8.59
CA GLN A 169 -12.05 12.91 8.94
C GLN A 169 -12.74 11.79 8.16
N VAL A 170 -12.21 11.43 7.00
CA VAL A 170 -12.85 10.42 6.18
C VAL A 170 -11.93 9.23 5.75
N SER A 171 -10.67 9.46 5.50
CA SER A 171 -9.88 8.43 4.91
C SER A 171 -9.24 7.54 5.94
N CYS A 172 -8.92 8.10 7.11
CA CYS A 172 -8.06 7.41 8.10
CA CYS A 172 -8.07 7.44 8.08
C CYS A 172 -8.69 6.27 8.89
N GLU A 173 -9.86 6.49 9.46
CA GLU A 173 -10.35 5.53 10.45
C GLU A 173 -10.82 4.16 9.95
N LEU A 174 -11.47 4.08 8.80
CA LEU A 174 -12.05 2.77 8.40
C LEU A 174 -11.01 1.69 8.14
N PRO A 175 -9.89 2.03 7.46
CA PRO A 175 -8.85 1.02 7.27
C PRO A 175 -8.30 0.50 8.62
N LEU A 176 -8.21 1.41 9.58
CA LEU A 176 -7.82 1.05 10.92
C LEU A 176 -8.85 0.16 11.61
N GLN A 177 -10.13 0.51 11.46
CA GLN A 177 -11.22 -0.33 12.01
C GLN A 177 -11.32 -1.69 11.35
N ALA A 178 -10.98 -1.75 10.08
CA ALA A 178 -10.97 -3.01 9.39
C ALA A 178 -9.87 -3.89 10.00
N ILE A 179 -8.71 -3.30 10.33
CA ILE A 179 -7.61 -4.08 10.88
C ILE A 179 -8.03 -4.54 12.27
N ALA A 180 -8.58 -3.61 13.04
CA ALA A 180 -8.97 -3.84 14.42
C ALA A 180 -10.03 -4.96 14.53
N GLY A 181 -10.99 -4.97 13.60
CA GLY A 181 -12.11 -5.93 13.60
C GLY A 181 -11.70 -7.35 13.20
N LEU A 182 -10.91 -7.44 12.14
CA LEU A 182 -10.29 -8.69 11.73
C LEU A 182 -9.52 -9.33 12.91
N LEU A 183 -8.88 -8.53 13.76
CA LEU A 183 -8.09 -9.05 14.92
C LEU A 183 -8.83 -9.17 16.29
N GLY A 184 -10.08 -8.71 16.33
CA GLY A 184 -10.86 -8.60 17.56
C GLY A 184 -10.26 -7.72 18.63
N VAL A 185 -9.62 -6.62 18.25
CA VAL A 185 -9.10 -5.76 19.27
C VAL A 185 -10.26 -5.16 20.10
N PRO A 186 -10.21 -5.31 21.44
CA PRO A 186 -11.23 -4.60 22.19
C PRO A 186 -11.27 -3.12 21.85
N GLN A 187 -12.47 -2.55 21.92
CA GLN A 187 -12.72 -1.17 21.56
C GLN A 187 -11.86 -0.20 22.39
N GLU A 188 -11.68 -0.58 23.64
CA GLU A 188 -10.94 0.21 24.64
C GLU A 188 -9.46 0.29 24.31
N ASP A 189 -9.01 -0.67 23.52
CA ASP A 189 -7.62 -0.77 23.05
C ASP A 189 -7.35 -0.17 21.64
N ARG A 190 -8.40 0.21 20.91
CA ARG A 190 -8.26 0.63 19.53
C ARG A 190 -7.55 1.95 19.42
N GLY A 191 -7.77 2.83 20.38
CA GLY A 191 -7.10 4.09 20.34
C GLY A 191 -5.59 3.97 20.34
N LYS A 192 -5.06 3.11 21.19
CA LYS A 192 -3.60 3.04 21.32
C LYS A 192 -3.04 2.30 20.12
N LEU A 193 -3.82 1.32 19.63
CA LEU A 193 -3.49 0.52 18.47
C LEU A 193 -3.33 1.43 17.22
N PHE A 194 -4.28 2.32 17.04
CA PHE A 194 -4.25 3.26 15.95
C PHE A 194 -3.09 4.24 16.07
N HIS A 195 -2.82 4.71 17.28
CA HIS A 195 -1.64 5.54 17.54
C HIS A 195 -0.33 4.88 17.12
N TRP A 196 -0.12 3.63 17.56
CA TRP A 196 1.05 2.88 17.15
C TRP A 196 1.09 2.72 15.61
N SER A 197 0.00 2.18 15.07
CA SER A 197 -0.11 1.95 13.64
C SER A 197 0.22 3.16 12.78
N ASN A 198 -0.13 4.35 13.26
CA ASN A 198 0.08 5.58 12.49
C ASN A 198 1.45 6.15 12.56
N GLU A 199 2.28 5.64 13.48
CA GLU A 199 3.75 5.96 13.53
C GLU A 199 4.67 4.88 12.94
N MET A 200 4.11 3.86 12.35
CA MET A 200 4.82 2.63 11.98
C MET A 200 5.32 2.51 10.52
N THR A 201 4.69 3.19 9.60
CA THR A 201 5.15 3.12 8.23
C THR A 201 6.13 4.30 8.07
N GLY A 202 7.41 3.97 8.01
CA GLY A 202 8.51 4.96 8.04
C GLY A 202 8.41 5.93 6.88
N ASN A 203 8.78 7.17 7.14
CA ASN A 203 8.91 8.14 6.05
C ASN A 203 9.91 9.18 6.52
N GLU A 204 10.34 10.04 5.60
CA GLU A 204 11.27 11.12 5.95
C GLU A 204 10.60 12.52 5.81
N ASP A 205 9.30 12.57 6.05
CA ASP A 205 8.54 13.82 5.93
C ASP A 205 8.82 14.71 7.13
N PRO A 206 9.07 16.00 6.91
CA PRO A 206 9.35 16.87 8.08
C PRO A 206 8.25 17.03 9.11
N GLU A 207 7.01 16.84 8.74
CA GLU A 207 5.91 16.85 9.72
C GLU A 207 5.96 15.70 10.70
N TYR A 208 6.66 14.62 10.34
CA TYR A 208 6.73 13.41 11.17
C TYR A 208 8.17 13.12 11.67
N ALA A 209 9.02 14.15 11.69
CA ALA A 209 10.48 14.02 11.97
C ALA A 209 10.78 13.55 13.37
N HIS A 210 9.82 13.77 14.24
CA HIS A 210 9.88 13.49 15.67
C HIS A 210 9.26 12.11 16.02
N ILE A 211 8.96 11.29 15.03
CA ILE A 211 8.31 10.01 15.22
C ILE A 211 9.35 8.90 15.03
N ASP A 212 9.22 7.87 15.87
CA ASP A 212 10.05 6.65 15.89
C ASP A 212 8.98 5.59 15.76
N PRO A 213 8.81 4.98 14.58
CA PRO A 213 8.83 3.63 14.05
C PRO A 213 9.28 2.53 14.96
N LYS A 214 10.48 2.66 15.54
CA LYS A 214 11.10 1.62 16.37
C LYS A 214 10.32 1.40 17.65
N ALA A 215 10.08 2.50 18.39
CA ALA A 215 9.37 2.44 19.66
C ALA A 215 7.97 1.92 19.44
N SER A 216 7.26 2.44 18.45
CA SER A 216 5.86 2.02 18.17
C SER A 216 5.77 0.58 17.77
N SER A 217 6.73 0.13 16.96
CA SER A 217 6.77 -1.27 16.54
C SER A 217 6.94 -2.18 17.76
N ALA A 218 7.87 -1.85 18.65
CA ALA A 218 8.15 -2.64 19.87
C ALA A 218 6.92 -2.68 20.74
N GLU A 219 6.28 -1.54 20.86
CA GLU A 219 5.11 -1.41 21.73
C GLU A 219 3.89 -2.13 21.19
N LEU A 220 3.71 -2.16 19.88
CA LEU A 220 2.61 -2.90 19.25
C LEU A 220 2.85 -4.40 19.25
N ILE A 221 4.11 -4.82 19.07
CA ILE A 221 4.41 -6.25 19.09
C ILE A 221 4.20 -6.73 20.51
N GLY A 222 4.56 -5.89 21.48
CA GLY A 222 4.27 -6.17 22.88
C GLY A 222 2.80 -6.39 23.15
N TYR A 223 1.95 -5.46 22.77
CA TYR A 223 0.51 -5.69 22.80
C TYR A 223 0.00 -6.96 22.04
N ALA A 224 0.43 -7.15 20.81
CA ALA A 224 0.09 -8.34 20.04
C ALA A 224 0.44 -9.63 20.78
N MET A 225 1.60 -9.71 21.38
CA MET A 225 2.01 -10.95 22.02
C MET A 225 1.31 -11.17 23.36
N LYS A 226 1.02 -10.08 24.09
CA LYS A 226 0.11 -10.11 25.28
C LYS A 226 -1.28 -10.59 24.90
N MET A 227 -1.80 -10.10 23.75
CA MET A 227 -3.12 -10.46 23.20
C MET A 227 -3.19 -11.93 22.88
N ALA A 228 -2.24 -12.41 22.12
CA ALA A 228 -2.11 -13.84 21.91
C ALA A 228 -1.97 -14.61 23.22
N GLU A 229 -1.29 -14.06 24.23
CA GLU A 229 -1.18 -14.74 25.53
C GLU A 229 -2.57 -14.92 26.18
N GLU A 230 -3.32 -13.84 26.26
CA GLU A 230 -4.69 -13.81 26.75
C GLU A 230 -5.69 -14.75 25.97
N LYS A 231 -5.37 -15.10 24.71
CA LYS A 231 -6.17 -16.00 23.84
C LYS A 231 -5.70 -17.49 23.78
N ILE A 239 -10.30 -14.49 15.07
CA ILE A 239 -9.23 -14.88 14.16
C ILE A 239 -7.96 -15.16 14.95
N VAL A 240 -7.61 -14.25 15.84
CA VAL A 240 -6.43 -14.44 16.71
C VAL A 240 -6.33 -15.89 17.19
N THR A 241 -7.46 -16.41 17.68
CA THR A 241 -7.60 -17.84 18.03
C THR A 241 -7.28 -18.88 16.98
N GLN A 242 -7.93 -18.76 15.85
CA GLN A 242 -7.58 -19.57 14.71
C GLN A 242 -6.04 -19.53 14.39
N LEU A 243 -5.38 -18.37 14.56
CA LEU A 243 -3.98 -18.23 14.10
C LEU A 243 -3.00 -18.85 15.11
N ILE A 244 -3.31 -18.65 16.40
CA ILE A 244 -2.45 -19.17 17.46
C ILE A 244 -2.87 -20.51 17.99
N GLN A 245 -4.05 -20.96 17.64
CA GLN A 245 -4.37 -22.38 17.90
C GLN A 245 -3.76 -23.32 16.83
N ALA A 246 -3.16 -24.38 17.38
CA ALA A 246 -2.63 -25.52 16.65
C ALA A 246 -3.76 -26.31 15.91
N ASP A 247 -3.49 -26.70 14.64
CA ASP A 247 -4.46 -27.18 13.61
C ASP A 247 -4.48 -28.70 13.26
N GLY A 250 -0.11 -29.63 12.82
CA GLY A 250 -0.03 -28.82 14.09
C GLY A 250 0.57 -27.42 13.91
N GLU A 251 0.47 -26.92 12.68
CA GLU A 251 0.80 -25.56 12.33
C GLU A 251 0.02 -24.51 13.17
N LYS A 252 0.79 -23.61 13.76
CA LYS A 252 0.24 -22.40 14.34
C LYS A 252 1.35 -21.39 14.26
N LEU A 253 0.96 -20.13 14.41
CA LEU A 253 1.92 -19.10 14.52
C LEU A 253 2.43 -19.22 15.92
N SER A 254 3.74 -19.07 16.08
CA SER A 254 4.32 -18.86 17.39
C SER A 254 3.88 -17.44 17.87
N ASP A 255 4.01 -17.16 19.18
CA ASP A 255 3.56 -15.87 19.71
C ASP A 255 4.33 -14.71 19.04
N ASP A 256 5.63 -14.92 18.76
CA ASP A 256 6.39 -13.88 18.09
CA ASP A 256 6.47 -13.95 18.04
C ASP A 256 5.94 -13.74 16.63
N GLU A 257 5.61 -14.85 15.97
CA GLU A 257 5.04 -14.82 14.64
C GLU A 257 3.69 -14.07 14.62
N PHE A 258 2.81 -14.35 15.56
CA PHE A 258 1.57 -13.53 15.67
C PHE A 258 1.87 -12.03 15.81
N GLY A 259 2.81 -11.68 16.67
CA GLY A 259 3.26 -10.34 16.80
C GLY A 259 3.74 -9.76 15.50
N PHE A 260 4.62 -10.49 14.79
CA PHE A 260 5.09 -10.05 13.47
C PHE A 260 3.94 -9.90 12.47
N PHE A 261 2.95 -10.81 12.53
CA PHE A 261 1.75 -10.67 11.74
C PHE A 261 1.04 -9.34 12.02
N VAL A 262 0.72 -9.07 13.26
CA VAL A 262 0.01 -7.83 13.58
C VAL A 262 0.80 -6.56 13.12
N VAL A 263 2.10 -6.51 13.38
CA VAL A 263 2.95 -5.38 13.02
C VAL A 263 2.95 -5.15 11.49
N MET A 264 3.00 -6.25 10.74
CA MET A 264 2.84 -6.25 9.28
CA MET A 264 2.83 -6.26 9.28
C MET A 264 1.52 -5.62 8.83
N LEU A 265 0.43 -6.00 9.46
CA LEU A 265 -0.90 -5.52 9.04
C LEU A 265 -1.02 -4.03 9.32
N ALA A 266 -0.47 -3.60 10.47
CA ALA A 266 -0.41 -2.15 10.84
C ALA A 266 0.22 -1.24 9.76
N VAL A 267 1.18 -1.76 9.00
CA VAL A 267 1.72 -1.11 7.78
C VAL A 267 0.97 -1.49 6.45
N ALA A 268 0.74 -2.78 6.24
CA ALA A 268 0.17 -3.30 4.98
C ALA A 268 -1.24 -2.75 4.70
N GLY A 269 -2.08 -2.61 5.72
CA GLY A 269 -3.49 -2.24 5.50
C GLY A 269 -3.95 -0.89 6.00
N ASN A 270 -2.99 -0.08 6.40
CA ASN A 270 -3.23 1.26 6.96
C ASN A 270 -3.19 2.36 5.88
N GLU A 271 -2.01 2.95 5.61
CA GLU A 271 -1.92 4.10 4.72
CA GLU A 271 -1.92 4.09 4.71
C GLU A 271 -2.15 3.71 3.25
N THR A 272 -2.20 2.39 3.00
CA THR A 272 -2.47 1.87 1.66
C THR A 272 -3.92 2.16 1.31
N THR A 273 -4.85 1.65 2.10
CA THR A 273 -6.26 1.82 1.79
C THR A 273 -6.64 3.26 2.03
N ARG A 274 -6.04 3.91 3.02
CA ARG A 274 -6.29 5.32 3.26
C ARG A 274 -6.11 6.21 2.01
N ASN A 275 -4.98 5.99 1.34
CA ASN A 275 -4.66 6.77 0.15
C ASN A 275 -5.45 6.35 -1.07
N SER A 276 -5.98 5.12 -1.09
CA SER A 276 -6.97 4.73 -2.11
C SER A 276 -8.21 5.62 -1.93
N ILE A 277 -8.60 5.87 -0.68
CA ILE A 277 -9.81 6.66 -0.36
C ILE A 277 -9.53 8.13 -0.69
N THR A 278 -8.42 8.67 -0.16
CA THR A 278 -8.09 10.06 -0.46
C THR A 278 -7.97 10.37 -1.94
N GLN A 279 -7.18 9.58 -2.65
CA GLN A 279 -6.96 9.80 -4.05
C GLN A 279 -8.06 9.39 -5.01
N GLY A 280 -8.89 8.43 -4.58
CA GLY A 280 -10.15 8.12 -5.29
C GLY A 280 -11.08 9.33 -5.24
N MET A 281 -11.20 10.00 -4.08
CA MET A 281 -12.06 11.13 -3.92
C MET A 281 -11.46 12.29 -4.66
N MET A 282 -10.14 12.36 -4.68
CA MET A 282 -9.49 13.36 -5.52
C MET A 282 -9.83 13.15 -6.98
N ALA A 283 -9.84 11.89 -7.43
CA ALA A 283 -10.22 11.53 -8.82
C ALA A 283 -11.64 11.94 -9.12
N PHE A 284 -12.55 11.75 -8.16
CA PHE A 284 -13.96 12.17 -8.28
C PHE A 284 -14.14 13.70 -8.39
N ALA A 285 -13.33 14.46 -7.65
CA ALA A 285 -13.35 15.92 -7.69
C ALA A 285 -12.84 16.43 -9.04
N GLU A 286 -11.93 15.70 -9.65
CA GLU A 286 -11.40 16.10 -10.94
C GLU A 286 -12.26 15.61 -12.08
N HIS A 287 -13.07 14.58 -11.84
CA HIS A 287 -13.88 13.93 -12.88
C HIS A 287 -15.33 13.91 -12.40
N PRO A 288 -15.98 15.10 -12.42
CA PRO A 288 -17.29 15.23 -11.83
C PRO A 288 -18.35 14.32 -12.50
N ASP A 289 -18.21 14.01 -13.78
CA ASP A 289 -19.14 13.03 -14.43
C ASP A 289 -19.01 11.62 -13.84
N GLN A 290 -17.82 11.26 -13.41
CA GLN A 290 -17.63 9.94 -12.82
C GLN A 290 -18.30 9.90 -11.45
N TRP A 291 -18.17 10.99 -10.68
CA TRP A 291 -18.82 11.14 -9.40
C TRP A 291 -20.32 11.06 -9.53
N GLU A 292 -20.90 11.80 -10.48
CA GLU A 292 -22.35 11.74 -10.73
C GLU A 292 -22.85 10.35 -11.03
N LEU A 293 -22.14 9.66 -11.92
CA LEU A 293 -22.43 8.24 -12.27
C LEU A 293 -22.31 7.33 -11.05
N TYR A 294 -21.24 7.50 -10.26
CA TYR A 294 -21.01 6.69 -9.07
C TYR A 294 -22.17 6.80 -8.09
N LYS A 295 -22.61 8.04 -7.87
CA LYS A 295 -23.71 8.29 -6.94
C LYS A 295 -25.02 7.61 -7.32
N LYS A 296 -25.28 7.47 -8.60
CA LYS A 296 -26.45 6.78 -9.10
C LYS A 296 -26.33 5.27 -8.90
N VAL A 297 -25.26 4.67 -9.40
CA VAL A 297 -25.17 3.21 -9.47
C VAL A 297 -24.08 2.50 -8.68
N ARG A 298 -23.19 3.20 -7.99
CA ARG A 298 -22.16 2.52 -7.18
C ARG A 298 -21.58 1.26 -7.87
N PRO A 299 -21.03 1.40 -9.11
CA PRO A 299 -20.80 0.18 -9.83
C PRO A 299 -19.66 -0.67 -9.24
N GLU A 300 -19.70 -1.94 -9.67
CA GLU A 300 -18.84 -3.02 -9.19
C GLU A 300 -17.39 -2.77 -9.59
N THR A 301 -17.26 -1.99 -10.63
CA THR A 301 -16.02 -1.73 -11.28
C THR A 301 -15.26 -0.58 -10.62
N ALA A 302 -15.91 0.19 -9.72
CA ALA A 302 -15.32 1.43 -9.13
C ALA A 302 -14.07 1.21 -8.24
N ALA A 303 -14.15 0.22 -7.35
CA ALA A 303 -13.08 -0.04 -6.38
C ALA A 303 -11.81 -0.30 -7.11
N ASP A 304 -11.85 -1.06 -8.22
CA ASP A 304 -10.59 -1.42 -8.84
C ASP A 304 -10.04 -0.29 -9.65
N GLU A 305 -10.91 0.59 -10.18
CA GLU A 305 -10.46 1.82 -10.80
C GLU A 305 -9.86 2.80 -9.82
N ILE A 306 -10.44 2.88 -8.63
CA ILE A 306 -9.92 3.68 -7.51
C ILE A 306 -8.51 3.21 -7.17
N VAL A 307 -8.36 1.90 -6.96
CA VAL A 307 -7.02 1.35 -6.66
C VAL A 307 -6.01 1.62 -7.81
N ARG A 308 -6.41 1.40 -9.06
CA ARG A 308 -5.51 1.63 -10.16
C ARG A 308 -5.07 3.06 -10.21
N TRP A 309 -6.02 3.97 -10.07
CA TRP A 309 -5.74 5.38 -10.12
C TRP A 309 -4.96 5.90 -8.89
N ALA A 310 -5.26 5.39 -7.71
CA ALA A 310 -4.59 5.83 -6.44
C ALA A 310 -3.20 5.23 -6.33
N THR A 311 -3.03 4.00 -6.83
CA THR A 311 -1.77 3.25 -6.75
C THR A 311 -1.01 3.65 -5.50
N PRO A 312 -1.60 3.34 -4.32
CA PRO A 312 -1.03 3.77 -3.02
C PRO A 312 0.43 3.35 -2.81
N VAL A 313 0.76 2.10 -3.21
CA VAL A 313 2.15 1.61 -3.27
C VAL A 313 2.72 1.90 -4.65
N THR A 314 3.60 2.91 -4.67
CA THR A 314 4.19 3.33 -5.93
C THR A 314 5.07 2.24 -6.51
N ALA A 315 5.86 1.62 -5.63
CA ALA A 315 6.86 0.67 -6.02
C ALA A 315 7.17 -0.32 -4.87
N PHE A 316 7.34 -1.59 -5.21
CA PHE A 316 8.05 -2.53 -4.35
C PHE A 316 9.17 -3.13 -5.19
N GLN A 317 10.16 -3.67 -4.49
CA GLN A 317 11.32 -4.24 -5.12
C GLN A 317 11.47 -5.78 -4.91
N ARG A 318 12.46 -6.31 -5.65
CA ARG A 318 12.93 -7.68 -5.56
C ARG A 318 14.42 -7.66 -5.85
N THR A 319 15.10 -8.75 -5.47
CA THR A 319 16.52 -8.98 -5.77
C THR A 319 16.66 -10.32 -6.53
N ALA A 320 17.32 -10.24 -7.68
CA ALA A 320 17.61 -11.39 -8.55
C ALA A 320 18.52 -12.34 -7.77
N LEU A 321 18.12 -13.60 -7.68
CA LEU A 321 18.95 -14.63 -7.05
C LEU A 321 19.84 -15.32 -8.11
N ARG A 322 19.56 -15.06 -9.37
CA ARG A 322 20.42 -15.54 -10.44
C ARG A 322 20.23 -14.59 -11.65
N ASP A 323 21.10 -14.71 -12.65
CA ASP A 323 20.94 -13.99 -13.90
C ASP A 323 19.58 -14.32 -14.56
N TYR A 324 18.92 -13.31 -15.13
CA TYR A 324 17.60 -13.48 -15.70
C TYR A 324 17.44 -12.51 -16.84
N GLU A 325 17.08 -13.05 -18.00
CA GLU A 325 16.77 -12.19 -19.10
C GLU A 325 15.27 -11.76 -19.03
N LEU A 326 15.04 -10.45 -18.90
CA LEU A 326 13.69 -9.88 -18.81
C LEU A 326 13.55 -8.86 -19.89
N SER A 327 12.66 -9.14 -20.84
CA SER A 327 12.35 -8.33 -22.01
C SER A 327 13.62 -7.80 -22.67
N GLY A 328 14.55 -8.73 -22.91
CA GLY A 328 15.84 -8.43 -23.51
C GLY A 328 16.89 -7.76 -22.65
N VAL A 329 16.57 -7.45 -21.41
CA VAL A 329 17.57 -6.87 -20.51
C VAL A 329 18.15 -8.04 -19.71
N GLN A 330 19.47 -8.04 -19.60
CA GLN A 330 20.15 -9.05 -18.85
C GLN A 330 20.32 -8.58 -17.42
N ILE A 331 19.38 -9.03 -16.57
CA ILE A 331 19.43 -8.83 -15.15
C ILE A 331 20.44 -9.81 -14.54
N LYS A 332 21.30 -9.30 -13.65
CA LYS A 332 22.37 -10.10 -12.99
C LYS A 332 22.02 -10.45 -11.54
N LYS A 333 22.37 -11.67 -11.14
CA LYS A 333 22.42 -12.13 -9.74
C LYS A 333 22.75 -11.00 -8.75
N GLY A 334 21.88 -10.79 -7.78
CA GLY A 334 22.15 -9.81 -6.74
C GLY A 334 21.65 -8.41 -7.00
N GLN A 335 21.32 -8.10 -8.25
CA GLN A 335 20.79 -6.78 -8.55
C GLN A 335 19.34 -6.62 -8.14
N ARG A 336 19.02 -5.39 -7.71
CA ARG A 336 17.62 -5.06 -7.40
C ARG A 336 16.81 -4.67 -8.64
N VAL A 337 15.54 -5.00 -8.64
CA VAL A 337 14.59 -4.55 -9.66
C VAL A 337 13.43 -3.88 -8.87
N VAL A 338 12.99 -2.72 -9.35
CA VAL A 338 11.94 -1.95 -8.67
C VAL A 338 10.76 -1.90 -9.62
N MET A 339 9.66 -2.46 -9.14
CA MET A 339 8.44 -2.61 -9.89
C MET A 339 7.63 -1.39 -9.58
N PHE A 340 7.55 -0.45 -10.53
CA PHE A 340 6.84 0.80 -10.31
C PHE A 340 5.40 0.59 -10.78
N TYR A 341 4.57 0.15 -9.85
CA TYR A 341 3.14 -0.01 -10.07
C TYR A 341 2.48 1.29 -10.61
N ARG A 342 2.95 2.45 -10.17
CA ARG A 342 2.50 3.72 -10.77
C ARG A 342 2.75 3.87 -12.28
N SER A 343 3.81 3.23 -12.79
CA SER A 343 3.99 3.20 -14.22
C SER A 343 3.09 2.14 -14.84
N ALA A 344 3.17 0.92 -14.32
CA ALA A 344 2.51 -0.26 -14.92
C ALA A 344 0.98 -0.08 -14.99
N ASN A 345 0.40 0.58 -14.00
CA ASN A 345 -1.02 0.92 -13.98
C ASN A 345 -1.52 1.93 -15.03
N PHE A 346 -0.57 2.58 -15.71
CA PHE A 346 -0.86 3.53 -16.80
C PHE A 346 -0.21 3.13 -18.11
N ASP A 347 0.02 1.84 -18.27
CA ASP A 347 0.70 1.29 -19.40
C ASP A 347 -0.22 1.37 -20.57
N GLU A 348 0.12 2.23 -21.54
CA GLU A 348 -0.73 2.53 -22.72
C GLU A 348 -1.00 1.35 -23.64
N GLU A 349 -0.14 0.34 -23.56
CA GLU A 349 -0.34 -0.85 -24.37
C GLU A 349 -1.37 -1.79 -23.78
N VAL A 350 -1.73 -1.58 -22.52
CA VAL A 350 -2.69 -2.47 -21.83
C VAL A 350 -4.01 -1.80 -21.51
N PHE A 351 -3.98 -0.55 -21.08
CA PHE A 351 -5.19 0.10 -20.63
C PHE A 351 -5.60 1.03 -21.72
N GLN A 352 -6.85 0.91 -22.16
CA GLN A 352 -7.40 1.89 -23.07
C GLN A 352 -7.59 3.19 -22.33
N ASP A 353 -7.08 4.27 -22.88
CA ASP A 353 -7.13 5.60 -22.24
C ASP A 353 -6.69 5.57 -20.74
N PRO A 354 -5.45 5.17 -20.47
CA PRO A 354 -5.03 4.92 -19.09
C PRO A 354 -5.14 6.19 -18.26
N PHE A 355 -5.01 7.34 -18.88
CA PHE A 355 -5.06 8.62 -18.14
C PHE A 355 -6.48 9.20 -17.98
N THR A 356 -7.49 8.43 -18.41
CA THR A 356 -8.92 8.67 -18.09
C THR A 356 -9.31 7.88 -16.83
N PHE A 357 -9.82 8.58 -15.83
CA PHE A 357 -10.51 7.93 -14.72
C PHE A 357 -11.90 7.43 -15.17
N ASN A 358 -12.06 6.10 -15.16
CA ASN A 358 -13.25 5.40 -15.69
C ASN A 358 -13.74 4.38 -14.66
N ILE A 359 -14.75 4.78 -13.88
CA ILE A 359 -15.25 3.88 -12.81
C ILE A 359 -15.95 2.59 -13.33
N LEU A 360 -16.13 2.49 -14.65
CA LEU A 360 -16.70 1.32 -15.30
C LEU A 360 -15.58 0.60 -16.01
N ARG A 361 -14.35 0.85 -15.59
CA ARG A 361 -13.20 0.34 -16.35
C ARG A 361 -13.30 -1.15 -16.47
N ASN A 362 -13.21 -1.57 -17.72
CA ASN A 362 -13.25 -2.98 -18.04
C ASN A 362 -12.62 -3.26 -19.41
N PRO A 363 -11.71 -4.23 -19.49
CA PRO A 363 -11.18 -4.97 -18.33
C PRO A 363 -10.25 -4.07 -17.49
N ASN A 364 -9.87 -4.53 -16.31
CA ASN A 364 -8.95 -3.76 -15.45
C ASN A 364 -7.81 -4.59 -14.80
N PRO A 365 -6.80 -4.98 -15.60
CA PRO A 365 -5.73 -5.88 -15.14
C PRO A 365 -4.60 -5.23 -14.32
N HIS A 366 -4.96 -4.40 -13.35
CA HIS A 366 -4.00 -3.51 -12.72
C HIS A 366 -3.21 -4.27 -11.67
N VAL A 367 -2.08 -3.69 -11.28
CA VAL A 367 -1.16 -4.25 -10.28
C VAL A 367 -1.04 -3.36 -9.01
N GLY A 368 -2.15 -2.69 -8.68
CA GLY A 368 -2.29 -1.90 -7.49
C GLY A 368 -2.15 -2.75 -6.23
N PHE A 369 -2.57 -4.02 -6.33
CA PHE A 369 -2.37 -5.02 -5.27
C PHE A 369 -1.20 -5.99 -5.51
N GLY A 370 -0.31 -5.60 -6.41
CA GLY A 370 0.83 -6.42 -6.78
C GLY A 370 0.53 -7.17 -8.06
N GLY A 371 1.58 -7.77 -8.64
CA GLY A 371 1.38 -8.85 -9.60
C GLY A 371 0.85 -10.10 -8.91
N THR A 372 0.07 -10.88 -9.64
CA THR A 372 -0.35 -12.16 -9.15
C THR A 372 0.94 -13.01 -8.93
N GLY A 373 0.95 -13.78 -7.86
CA GLY A 373 2.09 -14.58 -7.51
C GLY A 373 2.02 -14.83 -6.02
N ALA A 374 3.07 -15.46 -5.50
CA ALA A 374 3.16 -15.79 -4.07
C ALA A 374 2.76 -14.64 -3.12
N HIS A 375 3.07 -13.41 -3.48
CA HIS A 375 2.94 -12.26 -2.57
C HIS A 375 1.79 -11.32 -2.88
N TYR A 376 0.94 -11.69 -3.82
CA TYR A 376 -0.23 -10.89 -4.16
C TYR A 376 -1.04 -10.49 -2.92
N CYS A 377 -1.39 -9.22 -2.81
CA CYS A 377 -2.00 -8.71 -1.57
C CYS A 377 -3.08 -9.61 -1.01
N ILE A 378 -2.80 -10.22 0.14
CA ILE A 378 -3.78 -11.03 0.87
C ILE A 378 -5.00 -10.19 1.31
N GLY A 379 -4.85 -8.87 1.46
CA GLY A 379 -5.92 -8.02 1.95
C GLY A 379 -6.71 -7.34 0.88
N ALA A 380 -6.49 -7.72 -0.39
CA ALA A 380 -7.19 -7.13 -1.57
C ALA A 380 -8.75 -7.01 -1.46
N ASN A 381 -9.41 -8.08 -1.06
CA ASN A 381 -10.85 -8.00 -0.90
C ASN A 381 -11.28 -7.25 0.35
N LEU A 382 -10.53 -7.32 1.41
CA LEU A 382 -10.74 -6.49 2.58
C LEU A 382 -10.61 -4.99 2.20
N ALA A 383 -9.58 -4.65 1.40
CA ALA A 383 -9.45 -3.30 0.85
C ALA A 383 -10.59 -2.89 -0.03
N ARG A 384 -10.94 -3.66 -1.06
CA ARG A 384 -12.17 -3.35 -1.86
C ARG A 384 -13.47 -3.08 -1.07
N MET A 385 -13.72 -3.89 -0.06
CA MET A 385 -14.88 -3.73 0.77
C MET A 385 -14.82 -2.40 1.50
N THR A 386 -13.67 -2.11 2.13
CA THR A 386 -13.38 -0.82 2.81
C THR A 386 -13.63 0.40 1.92
N ILE A 387 -13.16 0.28 0.69
CA ILE A 387 -13.32 1.29 -0.35
C ILE A 387 -14.82 1.50 -0.75
N ASN A 388 -15.52 0.41 -1.05
CA ASN A 388 -16.92 0.50 -1.42
C ASN A 388 -17.73 1.03 -0.30
N LEU A 389 -17.48 0.56 0.90
CA LEU A 389 -18.24 1.03 2.05
C LEU A 389 -18.03 2.53 2.34
N ILE A 390 -16.79 3.01 2.32
CA ILE A 390 -16.60 4.42 2.55
C ILE A 390 -17.18 5.29 1.42
N PHE A 391 -17.09 4.85 0.19
CA PHE A 391 -17.56 5.70 -0.92
C PHE A 391 -19.07 5.70 -1.05
N ASN A 392 -19.68 4.55 -0.75
CA ASN A 392 -21.12 4.54 -0.57
C ASN A 392 -21.57 5.59 0.48
N ALA A 393 -20.88 5.60 1.61
CA ALA A 393 -21.21 6.53 2.73
C ALA A 393 -20.97 7.99 2.36
N VAL A 394 -19.91 8.25 1.57
CA VAL A 394 -19.62 9.59 1.11
C VAL A 394 -20.70 10.04 0.14
N ALA A 395 -21.07 9.18 -0.80
CA ALA A 395 -22.12 9.45 -1.76
C ALA A 395 -23.41 9.70 -1.04
N ASP A 396 -23.68 8.93 0.03
CA ASP A 396 -24.91 9.08 0.84
C ASP A 396 -25.00 10.41 1.63
N HIS A 397 -23.91 10.75 2.31
CA HIS A 397 -23.88 11.88 3.28
C HIS A 397 -23.26 13.18 2.80
N MET A 398 -22.50 13.13 1.70
CA MET A 398 -21.78 14.32 1.21
C MET A 398 -21.69 14.29 -0.30
N PRO A 399 -22.85 14.26 -0.96
CA PRO A 399 -22.86 14.14 -2.38
C PRO A 399 -22.28 15.33 -3.14
N ASP A 400 -22.22 16.50 -2.51
CA ASP A 400 -21.77 17.70 -3.22
C ASP A 400 -20.43 18.19 -2.66
N LEU A 401 -19.59 17.30 -2.16
CA LEU A 401 -18.31 17.71 -1.56
C LEU A 401 -17.38 18.31 -2.60
N LYS A 402 -16.68 19.38 -2.22
CA LYS A 402 -15.77 20.08 -3.09
C LYS A 402 -14.53 20.38 -2.30
N PRO A 403 -13.35 20.23 -2.94
CA PRO A 403 -12.10 20.59 -2.23
C PRO A 403 -12.03 22.09 -1.99
N ILE A 404 -11.38 22.49 -0.90
CA ILE A 404 -11.06 23.88 -0.58
C ILE A 404 -9.62 24.21 -1.02
N SER A 405 -8.68 23.29 -0.81
CA SER A 405 -7.29 23.56 -1.16
C SER A 405 -6.61 22.29 -1.56
N ALA A 406 -5.39 22.43 -2.07
CA ALA A 406 -4.62 21.37 -2.66
C ALA A 406 -4.24 20.26 -1.67
N PRO A 407 -4.19 19.02 -2.17
CA PRO A 407 -3.63 17.94 -1.31
C PRO A 407 -2.17 18.22 -0.96
N GLU A 408 -1.83 17.88 0.28
CA GLU A 408 -0.46 17.93 0.74
C GLU A 408 0.16 16.53 0.65
N ARG A 409 1.21 16.37 -0.15
CA ARG A 409 1.82 15.05 -0.41
C ARG A 409 2.80 14.63 0.67
N LEU A 410 2.91 13.32 0.86
CA LEU A 410 3.82 12.73 1.84
C LEU A 410 5.22 12.59 1.22
N ARG A 411 6.24 12.98 1.98
CA ARG A 411 7.63 12.70 1.59
C ARG A 411 8.03 11.22 1.84
N SER A 412 7.84 10.41 0.81
CA SER A 412 8.18 8.98 0.76
C SER A 412 8.60 8.62 -0.68
N GLY A 413 9.58 7.77 -0.83
CA GLY A 413 10.01 7.35 -2.16
C GLY A 413 9.43 5.99 -2.61
N TRP A 414 8.47 5.43 -1.83
CA TRP A 414 7.70 4.26 -2.22
C TRP A 414 6.23 4.33 -1.91
N LEU A 415 5.83 5.13 -0.94
CA LEU A 415 4.42 5.27 -0.63
C LEU A 415 3.87 6.52 -1.29
N ASN A 416 2.75 6.38 -2.03
CA ASN A 416 2.06 7.50 -2.66
C ASN A 416 1.00 8.03 -1.65
N GLY A 417 1.38 9.00 -0.83
CA GLY A 417 0.58 9.39 0.32
C GLY A 417 0.18 10.82 0.23
N ILE A 418 -0.99 11.11 0.80
CA ILE A 418 -1.56 12.43 0.95
C ILE A 418 -1.70 12.56 2.45
N LYS A 419 -1.00 13.53 3.03
CA LYS A 419 -1.05 13.80 4.48
C LYS A 419 -2.35 14.48 4.89
N HIS A 420 -2.79 15.47 4.09
CA HIS A 420 -3.94 16.35 4.43
C HIS A 420 -4.65 16.80 3.14
N TRP A 421 -5.94 17.08 3.21
CA TRP A 421 -6.71 17.62 2.05
C TRP A 421 -7.96 18.28 2.62
N GLN A 422 -7.97 19.60 2.51
CA GLN A 422 -9.03 20.42 3.07
C GLN A 422 -10.22 20.45 2.11
N VAL A 423 -11.37 19.98 2.57
CA VAL A 423 -12.55 19.94 1.69
C VAL A 423 -13.80 20.47 2.39
N ASP A 424 -14.70 20.96 1.55
CA ASP A 424 -16.00 21.44 1.96
C ASP A 424 -17.00 20.32 1.67
N TYR A 425 -17.41 19.64 2.74
CA TYR A 425 -18.31 18.51 2.67
C TYR A 425 -19.72 18.87 2.19
N THR A 426 -20.16 20.09 2.48
CA THR A 426 -21.45 20.57 2.01
C THR A 426 -21.24 21.33 0.71
O EKO B . 10.40 -4.33 11.08
CL1 EKO B . 6.64 -2.88 11.63
CL2 EKO B . 5.17 -4.40 6.64
CL3 EKO B . 10.10 -4.63 17.61
CB EKO B . 9.80 -3.31 10.24
CG EKO B . 8.47 -3.56 9.55
CZ EKO B . 6.41 -4.07 7.80
CB2 EKO B . 9.77 -5.48 11.63
CB3 EKO B . 9.88 -1.88 10.84
CD1 EKO B . 7.14 -3.38 9.99
ND1 EKO B . 12.43 -1.96 11.46
CD2 EKO B . 8.71 -3.95 8.24
CD3 EKO B . 11.11 -4.78 13.69
CD4 EKO B . 8.82 -5.49 13.91
CD5 EKO B . 10.88 -1.35 12.97
CE1 EKO B . 6.11 -3.65 9.10
CE2 EKO B . 7.70 -4.20 7.35
NE2 EKO B . 12.09 -1.31 13.59
CE3 EKO B . 11.22 -4.59 15.06
CE4 EKO B . 8.92 -5.31 15.28
CE5 EKO B . 13.05 -1.66 12.67
CG2 EKO B . 9.91 -5.25 13.11
CG4 EKO B . 11.11 -1.75 11.69
CZ2 EKO B . 10.10 -4.85 15.84
CHA HEM C . 0.85 -7.37 -0.20
CHB HEM C . -0.94 -3.20 -1.96
CHC HEM C . -4.47 -3.31 1.32
CHD HEM C . -2.25 -6.97 3.54
C1A HEM C . 0.61 -6.29 -1.02
C2A HEM C . 1.31 -5.99 -2.23
C3A HEM C . 0.84 -4.83 -2.73
C4A HEM C . -0.19 -4.35 -1.83
CMA HEM C . 1.31 -4.10 -4.04
CAA HEM C . 2.37 -6.91 -2.89
CBA HEM C . 3.55 -7.29 -2.05
CGA HEM C . 4.69 -7.69 -2.97
O1A HEM C . 4.30 -8.18 -4.08
O2A HEM C . 5.91 -7.45 -2.55
C1B HEM C . -2.11 -2.86 -1.24
C2B HEM C . -2.99 -1.78 -1.54
C3B HEM C . -3.98 -1.82 -0.63
C4B HEM C . -3.70 -2.91 0.27
CMB HEM C . -2.76 -0.80 -2.72
CAB HEM C . -5.21 -0.90 -0.42
CBB HEM C . -5.94 -0.35 -1.39
C1C HEM C . -4.20 -4.29 2.20
C2C HEM C . -4.96 -4.60 3.40
C3C HEM C . -4.32 -5.63 4.03
C4C HEM C . -3.17 -6.00 3.24
CMC HEM C . -6.27 -3.87 3.79
CAC HEM C . -4.71 -6.36 5.32
CBC HEM C . -5.37 -5.72 6.31
C1D HEM C . -1.20 -7.38 2.77
C2D HEM C . -0.29 -8.45 3.13
C3D HEM C . 0.67 -8.57 1.95
C4D HEM C . 0.27 -7.55 1.02
CMD HEM C . -0.29 -9.31 4.41
CAD HEM C . 1.87 -9.55 1.80
CBD HEM C . 1.38 -10.87 1.23
CGD HEM C . 2.53 -11.79 1.14
O1D HEM C . 3.68 -11.28 1.20
O2D HEM C . 2.26 -13.00 0.98
NA HEM C . -0.31 -5.29 -0.78
NB HEM C . -2.58 -3.53 -0.14
NC HEM C . -3.12 -5.17 2.13
ND HEM C . -0.83 -6.88 1.53
FE HEM C . -1.79 -5.33 0.63
#